data_8INO
#
_entry.id   8INO
#
_cell.length_a   45.608
_cell.length_b   52.200
_cell.length_c   200.701
_cell.angle_alpha   90.00
_cell.angle_beta   90.00
_cell.angle_gamma   90.00
#
_symmetry.space_group_name_H-M   'P 21 21 21'
#
loop_
_entity.id
_entity.type
_entity.pdbx_description
1 polymer Glycosyltransferase
2 non-polymer 3-[(3S,5S,8S,9S,10R,13R,14S,17R)-10,13-dimethyl-3,5,14-tris(oxidanyl)-2,3,4,6,7,8,9,11,12,15,16,17-dodecahydro-1H-cyclopenta[a]phenanthren-17-yl]-2H-furan-5-one
3 non-polymer "URIDINE-5'-DIPHOSPHATE"
4 non-polymer 2-AMINO-2-HYDROXYMETHYL-PROPANE-1,3-DIOL
5 water water
#
_entity_poly.entity_id   1
_entity_poly.type   'polypeptide(L)'
_entity_poly.pdbx_seq_one_letter_code
;TPIHILAFPFPAKGHINPLLHLCNRLASKGFKITLITTVSTLKSVKTSKANGIDIESIPDGIPQEQNHQIITVMEMNMEL
YFKQFKASAIENTTKLIQKLKTKNPLPKVLIYDSSMPWILEVAHEQGLLGASFFTQPCSVSAIYYHMLQGTIKLPLENSE
NGMVSLPYLPLLEIKDLPGVQQFEDNSEAVAELLADQFSNIDDVDYVLFNTFDALEIEVVNWMGSKWPILTVGPTAPTSM
FFLDKKQKNYEDGRSINYLFETNTEVCMKWLDQREIDTVIYVSFGSLASLTEEQMEQVSQALIRSNCYFLWVVREEEENK
LPKDFKETTSKKKGLVINWCPQLDVLAHKSVACFMTHCGWNSTLEALCSGVPMICMPQWADQTTNAKLIEHVWKIGVGVN
KSDENGIVKREEIEDCIRQVIESERGKELKRNAIKWKELAKEAVSEGGSSCNNIQEFSSSLLFN
;
_entity_poly.pdbx_strand_id   A
#
loop_
_chem_comp.id
_chem_comp.type
_chem_comp.name
_chem_comp.formula
Q30 non-polymer 3-[(3S,5S,8S,9S,10R,13R,14S,17R)-10,13-dimethyl-3,5,14-tris(oxidanyl)-2,3,4,6,7,8,9,11,12,15,16,17-dodecahydro-1H-cyclopenta[a]phenanthren-17-yl]-2H-furan-5-one 'C23 H34 O5'
TRS non-polymer 2-AMINO-2-HYDROXYMETHYL-PROPANE-1,3-DIOL 'C4 H12 N O3 1'
UDP RNA linking URIDINE-5'-DIPHOSPHATE 'C9 H14 N2 O12 P2'
#
# COMPACT_ATOMS: atom_id res chain seq x y z
N PRO A 2 -25.77 -3.74 16.44
CA PRO A 2 -24.57 -4.07 15.64
C PRO A 2 -23.31 -4.12 16.51
N ILE A 3 -22.31 -4.87 16.08
CA ILE A 3 -21.01 -4.86 16.75
C ILE A 3 -20.21 -3.70 16.18
N HIS A 4 -19.61 -2.92 17.07
CA HIS A 4 -18.97 -1.65 16.71
C HIS A 4 -17.47 -1.83 16.67
N ILE A 5 -16.87 -1.59 15.51
CA ILE A 5 -15.45 -1.76 15.27
C ILE A 5 -14.83 -0.37 15.12
N LEU A 6 -13.70 -0.14 15.80
CA LEU A 6 -12.92 1.08 15.58
C LEU A 6 -11.71 0.75 14.72
N ALA A 7 -11.32 1.69 13.86
CA ALA A 7 -10.21 1.46 12.95
C ALA A 7 -9.28 2.67 12.98
N PHE A 8 -7.99 2.43 13.18
CA PHE A 8 -7.00 3.49 13.35
C PHE A 8 -5.82 3.23 12.44
N PRO A 9 -5.83 3.76 11.21
CA PRO A 9 -4.67 3.65 10.34
C PRO A 9 -3.59 4.64 10.75
N PHE A 10 -2.35 4.26 10.45
CA PHE A 10 -1.31 5.26 10.35
C PHE A 10 -1.74 6.35 9.36
N PRO A 11 -1.49 7.62 9.66
CA PRO A 11 -1.99 8.70 8.78
C PRO A 11 -1.18 8.88 7.51
N ALA A 12 -1.34 7.96 6.57
CA ALA A 12 -0.82 8.09 5.22
C ALA A 12 -1.68 7.22 4.32
N LYS A 13 -1.85 7.66 3.07
CA LYS A 13 -2.85 7.02 2.21
C LYS A 13 -2.56 5.54 2.00
N GLY A 14 -1.28 5.15 1.92
CA GLY A 14 -0.97 3.73 1.78
C GLY A 14 -1.33 2.89 2.99
N HIS A 15 -1.67 3.52 4.12
CA HIS A 15 -2.17 2.82 5.29
C HIS A 15 -3.65 3.03 5.51
N ILE A 16 -4.16 4.22 5.21
CA ILE A 16 -5.60 4.48 5.33
C ILE A 16 -6.38 3.61 4.35
N ASN A 17 -5.93 3.55 3.09
CA ASN A 17 -6.76 2.91 2.06
C ASN A 17 -7.01 1.42 2.30
N PRO A 18 -6.00 0.58 2.54
CA PRO A 18 -6.31 -0.85 2.74
C PRO A 18 -7.12 -1.11 3.99
N LEU A 19 -6.96 -0.30 5.04
CA LEU A 19 -7.86 -0.42 6.20
C LEU A 19 -9.27 0.04 5.83
N LEU A 20 -9.38 1.16 5.09
CA LEU A 20 -10.70 1.60 4.64
C LEU A 20 -11.39 0.48 3.88
N HIS A 21 -10.66 -0.24 3.02
CA HIS A 21 -11.32 -1.29 2.24
C HIS A 21 -11.77 -2.44 3.13
N LEU A 22 -10.95 -2.82 4.11
CA LEU A 22 -11.38 -3.83 5.07
C LEU A 22 -12.63 -3.36 5.81
N CYS A 23 -12.65 -2.09 6.22
CA CYS A 23 -13.82 -1.55 6.92
C CYS A 23 -15.07 -1.62 6.05
N ASN A 24 -14.96 -1.30 4.76
CA ASN A 24 -16.13 -1.42 3.88
C ASN A 24 -16.63 -2.85 3.82
N ARG A 25 -15.72 -3.83 3.69
CA ARG A 25 -16.13 -5.23 3.74
C ARG A 25 -16.87 -5.54 5.03
N LEU A 26 -16.32 -5.10 6.17
CA LEU A 26 -16.95 -5.43 7.45
C LEU A 26 -18.26 -4.69 7.63
N ALA A 27 -18.37 -3.45 7.13
CA ALA A 27 -19.65 -2.76 7.13
C ALA A 27 -20.68 -3.52 6.32
N SER A 28 -20.24 -4.20 5.25
CA SER A 28 -21.15 -4.98 4.42
C SER A 28 -21.74 -6.15 5.18
N LYS A 29 -21.00 -6.66 6.17
CA LYS A 29 -21.44 -7.77 6.99
C LYS A 29 -22.26 -7.30 8.19
N GLY A 30 -22.61 -6.02 8.26
CA GLY A 30 -23.44 -5.52 9.34
C GLY A 30 -22.69 -4.90 10.51
N PHE A 31 -21.38 -4.76 10.44
CA PHE A 31 -20.66 -4.09 11.51
C PHE A 31 -20.79 -2.57 11.39
N LYS A 32 -20.85 -1.90 12.55
CA LYS A 32 -20.67 -0.46 12.60
C LYS A 32 -19.19 -0.15 12.68
N ILE A 33 -18.75 0.79 11.85
CA ILE A 33 -17.35 1.17 11.79
C ILE A 33 -17.22 2.61 12.25
N THR A 34 -16.21 2.88 13.07
CA THR A 34 -15.75 4.23 13.26
C THR A 34 -14.29 4.30 12.86
N LEU A 35 -13.97 5.18 11.92
CA LEU A 35 -12.61 5.38 11.44
C LEU A 35 -11.99 6.55 12.18
N ILE A 36 -10.79 6.36 12.69
CA ILE A 36 -10.09 7.38 13.45
C ILE A 36 -8.99 7.96 12.57
N THR A 37 -9.09 9.25 12.28
CA THR A 37 -8.11 9.92 11.43
C THR A 37 -7.59 11.17 12.14
N THR A 38 -6.41 11.60 11.71
CA THR A 38 -5.88 12.86 12.23
C THR A 38 -6.52 14.04 11.51
N VAL A 39 -6.51 15.19 12.18
CA VAL A 39 -6.95 16.47 11.61
C VAL A 39 -6.38 16.64 10.20
N SER A 40 -5.09 16.38 10.04
CA SER A 40 -4.42 16.60 8.77
C SER A 40 -4.94 15.66 7.68
N THR A 41 -5.19 14.38 8.01
CA THR A 41 -5.81 13.49 7.05
C THR A 41 -7.20 14.00 6.63
N LEU A 42 -7.97 14.52 7.58
CA LEU A 42 -9.36 14.89 7.31
C LEU A 42 -9.46 16.10 6.38
N LYS A 43 -8.49 17.03 6.46
CA LYS A 43 -8.40 18.12 5.50
C LYS A 43 -8.40 17.64 4.06
N SER A 44 -7.84 16.44 3.81
CA SER A 44 -7.77 15.88 2.47
C SER A 44 -8.97 15.02 2.12
N VAL A 45 -9.82 14.70 3.10
CA VAL A 45 -10.99 13.86 2.89
C VAL A 45 -12.06 14.71 2.22
N LYS A 46 -12.53 14.25 1.06
CA LYS A 46 -13.49 15.03 0.27
C LYS A 46 -14.83 14.35 0.09
N THR A 47 -14.91 13.02 0.22
CA THR A 47 -16.17 12.31 0.09
C THR A 47 -16.21 11.23 1.16
N SER A 48 -17.29 11.18 1.93
CA SER A 48 -17.36 10.18 2.99
C SER A 48 -18.81 9.75 3.23
N LYS A 49 -19.76 10.55 2.75
CA LYS A 49 -21.18 10.28 3.00
C LYS A 49 -21.58 8.88 2.54
N ALA A 50 -21.04 8.44 1.40
CA ALA A 50 -21.47 7.17 0.83
C ALA A 50 -21.10 6.00 1.74
N ASN A 51 -19.91 6.05 2.34
CA ASN A 51 -19.41 4.94 3.17
C ASN A 51 -20.39 4.56 4.27
N GLY A 52 -21.11 5.54 4.83
CA GLY A 52 -21.88 5.24 6.02
C GLY A 52 -21.05 4.88 7.24
N ILE A 53 -19.73 5.07 7.17
CA ILE A 53 -18.85 4.90 8.31
C ILE A 53 -18.71 6.24 9.03
N ASP A 54 -18.67 6.23 10.36
CA ASP A 54 -18.43 7.48 11.06
C ASP A 54 -16.94 7.78 10.99
N ILE A 55 -16.60 9.06 10.90
CA ILE A 55 -15.23 9.50 10.96
C ILE A 55 -15.05 10.36 12.20
N GLU A 56 -14.11 9.99 13.06
CA GLU A 56 -13.71 10.84 14.17
C GLU A 56 -12.28 11.29 13.94
N SER A 57 -11.98 12.51 14.34
CA SER A 57 -10.65 13.06 14.17
C SER A 57 -9.95 13.24 15.52
N ILE A 58 -8.64 13.11 15.49
CA ILE A 58 -7.78 13.36 16.63
C ILE A 58 -6.73 14.37 16.18
N PRO A 59 -6.15 15.12 17.11
CA PRO A 59 -5.08 16.04 16.71
C PRO A 59 -3.96 15.30 15.99
N ASP A 60 -3.25 16.02 15.10
CA ASP A 60 -2.08 15.45 14.45
C ASP A 60 -1.05 14.97 15.47
N GLY A 61 -0.83 15.77 16.52
CA GLY A 61 0.13 15.44 17.53
C GLY A 61 1.55 15.87 17.25
N ILE A 62 1.80 16.57 16.14
CA ILE A 62 3.15 17.04 15.81
C ILE A 62 3.12 18.44 15.19
N VAL A 73 6.03 16.63 7.99
CA VAL A 73 6.61 17.14 9.22
C VAL A 73 7.50 16.08 9.87
N MET A 74 7.09 14.82 9.76
CA MET A 74 7.75 13.76 10.50
C MET A 74 9.17 13.49 10.01
N GLU A 75 9.50 13.84 8.78
CA GLU A 75 10.82 13.50 8.27
C GLU A 75 11.90 14.43 8.77
N MET A 76 11.53 15.63 9.26
CA MET A 76 12.53 16.57 9.77
C MET A 76 13.27 16.03 10.98
N ASN A 77 12.66 15.12 11.73
CA ASN A 77 13.31 14.48 12.86
C ASN A 77 12.48 13.26 13.24
N MET A 78 12.75 12.11 12.60
CA MET A 78 11.87 10.95 12.73
C MET A 78 11.79 10.49 14.17
N GLU A 79 12.94 10.38 14.85
CA GLU A 79 12.95 9.86 16.21
C GLU A 79 12.12 10.73 17.16
N LEU A 80 12.20 12.05 17.01
CA LEU A 80 11.44 12.92 17.91
C LEU A 80 9.97 12.97 17.53
N TYR A 81 9.66 13.20 16.26
CA TYR A 81 8.26 13.47 15.93
C TYR A 81 7.42 12.19 15.90
N PHE A 82 8.03 11.03 15.62
CA PHE A 82 7.25 9.81 15.76
C PHE A 82 6.89 9.57 17.22
N LYS A 83 7.82 9.85 18.13
CA LYS A 83 7.53 9.66 19.55
C LYS A 83 6.47 10.65 20.02
N GLN A 84 6.52 11.89 19.53
CA GLN A 84 5.47 12.85 19.86
C GLN A 84 4.12 12.38 19.33
N PHE A 85 4.09 11.94 18.07
CA PHE A 85 2.86 11.45 17.48
C PHE A 85 2.31 10.26 18.27
N LYS A 86 3.19 9.37 18.73
CA LYS A 86 2.76 8.22 19.51
C LYS A 86 2.11 8.66 20.82
N ALA A 87 2.78 9.53 21.58
CA ALA A 87 2.24 9.99 22.86
C ALA A 87 0.93 10.74 22.66
N SER A 88 0.88 11.63 21.68
CA SER A 88 -0.37 12.32 21.42
C SER A 88 -1.46 11.36 20.95
N ALA A 89 -1.10 10.31 20.19
CA ALA A 89 -2.15 9.41 19.72
C ALA A 89 -2.68 8.55 20.85
N ILE A 90 -1.79 8.06 21.74
CA ILE A 90 -2.23 7.33 22.92
C ILE A 90 -3.20 8.18 23.74
N GLU A 91 -2.80 9.41 24.06
CA GLU A 91 -3.67 10.30 24.82
C GLU A 91 -5.00 10.54 24.11
N ASN A 92 -4.96 10.81 22.80
CA ASN A 92 -6.18 11.27 22.16
C ASN A 92 -7.08 10.14 21.67
N THR A 93 -6.54 8.96 21.38
CA THR A 93 -7.48 7.87 21.13
C THR A 93 -8.10 7.37 22.44
N THR A 94 -7.38 7.51 23.56
CA THR A 94 -7.99 7.22 24.85
C THR A 94 -9.19 8.13 25.11
N LYS A 95 -9.01 9.44 24.91
CA LYS A 95 -10.12 10.38 25.06
C LYS A 95 -11.26 10.05 24.11
N LEU A 96 -10.95 9.73 22.87
CA LEU A 96 -11.99 9.45 21.89
C LEU A 96 -12.77 8.20 22.26
N ILE A 97 -12.07 7.15 22.71
CA ILE A 97 -12.76 5.93 23.10
C ILE A 97 -13.66 6.20 24.28
N GLN A 98 -13.20 7.03 25.23
CA GLN A 98 -14.01 7.39 26.38
C GLN A 98 -15.30 8.07 25.95
N LYS A 99 -15.22 8.97 24.97
CA LYS A 99 -16.45 9.59 24.47
C LYS A 99 -17.32 8.58 23.72
N LEU A 100 -16.72 7.70 22.92
CA LEU A 100 -17.50 6.69 22.22
C LEU A 100 -18.16 5.71 23.18
N LYS A 101 -17.67 5.61 24.41
CA LYS A 101 -18.29 4.75 25.39
C LYS A 101 -19.51 5.38 26.03
N THR A 102 -19.88 6.59 25.62
CA THR A 102 -21.14 7.19 26.02
C THR A 102 -22.25 6.94 25.00
N LYS A 103 -21.97 6.19 23.95
CA LYS A 103 -22.92 6.01 22.85
C LYS A 103 -23.08 4.54 22.52
N ASN A 104 -24.27 4.16 22.11
CA ASN A 104 -24.63 2.80 21.69
C ASN A 104 -24.62 2.72 20.18
N PRO A 105 -24.06 1.68 19.56
CA PRO A 105 -23.41 0.55 20.21
C PRO A 105 -22.00 0.85 20.73
N LEU A 106 -21.72 0.35 21.93
CA LEU A 106 -20.40 0.50 22.53
C LEU A 106 -19.35 -0.12 21.62
N PRO A 107 -18.15 0.46 21.56
CA PRO A 107 -17.07 -0.14 20.75
C PRO A 107 -16.59 -1.45 21.36
N LYS A 108 -16.27 -2.42 20.49
CA LYS A 108 -15.87 -3.76 20.93
C LYS A 108 -14.43 -4.10 20.58
N VAL A 109 -13.91 -3.60 19.46
CA VAL A 109 -12.59 -3.98 18.99
C VAL A 109 -11.98 -2.77 18.32
N LEU A 110 -10.66 -2.69 18.39
CA LEU A 110 -9.89 -1.66 17.74
C LEU A 110 -8.92 -2.32 16.78
N ILE A 111 -9.10 -2.09 15.49
CA ILE A 111 -8.15 -2.51 14.48
C ILE A 111 -7.22 -1.33 14.24
N TYR A 112 -5.94 -1.54 14.48
CA TYR A 112 -4.97 -0.47 14.35
C TYR A 112 -3.83 -0.90 13.45
N ASP A 113 -3.18 0.09 12.85
CA ASP A 113 -2.07 -0.16 11.95
C ASP A 113 -0.92 -0.84 12.69
N SER A 114 -0.38 -1.91 12.08
CA SER A 114 0.68 -2.69 12.70
C SER A 114 1.90 -1.87 13.08
N SER A 115 2.10 -0.70 12.45
CA SER A 115 3.23 0.15 12.79
C SER A 115 2.99 0.93 14.08
N MET A 116 1.82 0.80 14.69
CA MET A 116 1.48 1.50 15.93
C MET A 116 1.19 0.46 17.01
N PRO A 117 2.16 -0.41 17.33
CA PRO A 117 1.85 -1.54 18.21
C PRO A 117 1.49 -1.12 19.64
N TRP A 118 1.98 0.01 20.12
CA TRP A 118 1.59 0.52 21.43
C TRP A 118 0.09 0.81 21.54
N ILE A 119 -0.65 0.87 20.43
CA ILE A 119 -2.09 1.07 20.52
C ILE A 119 -2.79 -0.15 21.13
N LEU A 120 -2.16 -1.33 21.06
CA LEU A 120 -2.71 -2.49 21.74
C LEU A 120 -3.01 -2.19 23.19
N GLU A 121 -2.11 -1.45 23.84
CA GLU A 121 -2.27 -1.13 25.24
C GLU A 121 -3.46 -0.21 25.45
N VAL A 122 -3.71 0.71 24.52
CA VAL A 122 -4.92 1.51 24.62
C VAL A 122 -6.16 0.65 24.44
N ALA A 123 -6.12 -0.30 23.49
CA ALA A 123 -7.29 -1.15 23.29
C ALA A 123 -7.61 -1.94 24.55
N HIS A 124 -6.60 -2.60 25.12
CA HIS A 124 -6.82 -3.45 26.28
C HIS A 124 -7.18 -2.64 27.53
N GLU A 125 -6.58 -1.47 27.70
CA GLU A 125 -6.93 -0.68 28.88
C GLU A 125 -8.36 -0.15 28.78
N GLN A 126 -8.90 -0.03 27.58
CA GLN A 126 -10.27 0.42 27.39
C GLN A 126 -11.26 -0.73 27.28
N GLY A 127 -10.81 -1.98 27.51
CA GLY A 127 -11.71 -3.13 27.44
C GLY A 127 -12.02 -3.61 26.04
N LEU A 128 -11.23 -3.24 25.04
CA LEU A 128 -11.48 -3.64 23.66
C LEU A 128 -10.55 -4.76 23.25
N LEU A 129 -10.97 -5.56 22.28
CA LEU A 129 -10.02 -6.45 21.63
C LEU A 129 -9.10 -5.64 20.72
N GLY A 130 -7.88 -6.14 20.52
CA GLY A 130 -6.95 -5.42 19.67
C GLY A 130 -6.55 -6.27 18.47
N ALA A 131 -6.69 -5.72 17.27
CA ALA A 131 -6.27 -6.38 16.03
C ALA A 131 -5.20 -5.52 15.37
N SER A 132 -4.03 -6.13 15.15
CA SER A 132 -2.96 -5.46 14.41
C SER A 132 -3.12 -5.73 12.92
N PHE A 133 -3.15 -4.66 12.12
CA PHE A 133 -3.42 -4.76 10.69
C PHE A 133 -2.12 -4.41 9.95
N PHE A 134 -1.50 -5.43 9.35
CA PHE A 134 -0.25 -5.28 8.62
C PHE A 134 -0.56 -4.91 7.17
N THR A 135 0.03 -3.82 6.70
CA THR A 135 -0.22 -3.33 5.34
C THR A 135 0.88 -3.70 4.35
N GLN A 136 1.79 -4.57 4.74
CA GLN A 136 2.84 -5.11 3.88
C GLN A 136 2.68 -6.63 3.89
N PRO A 137 3.16 -7.33 2.87
CA PRO A 137 2.97 -8.79 2.81
C PRO A 137 3.78 -9.52 3.88
N CYS A 138 3.45 -10.80 4.06
CA CYS A 138 4.17 -11.61 5.04
C CYS A 138 5.65 -11.68 4.73
N SER A 139 6.04 -11.76 3.44
CA SER A 139 7.45 -11.92 3.07
C SER A 139 8.29 -10.76 3.59
N VAL A 140 7.81 -9.53 3.40
CA VAL A 140 8.54 -8.34 3.83
C VAL A 140 8.42 -8.16 5.33
N SER A 141 7.25 -8.47 5.90
CA SER A 141 7.09 -8.40 7.36
C SER A 141 8.00 -9.40 8.07
N ALA A 142 8.24 -10.56 7.47
CA ALA A 142 9.20 -11.51 8.02
C ALA A 142 10.54 -10.84 8.27
N ILE A 143 10.95 -9.93 7.39
CA ILE A 143 12.25 -9.28 7.54
C ILE A 143 12.27 -8.42 8.80
N TYR A 144 11.17 -7.75 9.10
CA TYR A 144 11.09 -6.95 10.31
C TYR A 144 11.16 -7.82 11.56
N TYR A 145 10.52 -8.99 11.53
CA TYR A 145 10.61 -9.91 12.66
C TYR A 145 12.04 -10.38 12.86
N HIS A 146 12.73 -10.77 11.78
CA HIS A 146 14.12 -11.20 11.93
C HIS A 146 15.01 -10.06 12.44
N MET A 147 14.72 -8.82 12.04
CA MET A 147 15.43 -7.67 12.59
C MET A 147 15.21 -7.56 14.09
N LEU A 148 13.98 -7.82 14.56
CA LEU A 148 13.69 -7.72 15.98
C LEU A 148 14.38 -8.85 16.75
N GLN A 149 14.38 -10.06 16.19
CA GLN A 149 15.15 -11.14 16.80
C GLN A 149 16.65 -10.88 16.78
N GLY A 150 17.12 -9.90 16.01
CA GLY A 150 18.56 -9.71 15.85
C GLY A 150 19.19 -10.60 14.81
N THR A 151 18.39 -11.37 14.06
CA THR A 151 18.92 -12.24 13.02
C THR A 151 19.56 -11.43 11.90
N ILE A 152 19.19 -10.17 11.76
CA ILE A 152 19.71 -9.31 10.70
C ILE A 152 19.59 -7.87 11.17
N LYS A 153 20.45 -6.98 10.62
CA LYS A 153 20.45 -5.57 10.95
C LYS A 153 20.44 -4.72 9.69
N LEU A 154 20.04 -3.46 9.83
CA LEU A 154 20.03 -2.50 8.72
C LEU A 154 21.41 -2.35 8.10
N MET A 163 24.94 -10.90 -0.50
CA MET A 163 23.85 -11.92 -0.58
C MET A 163 23.23 -12.15 0.80
N VAL A 164 21.90 -12.16 0.89
CA VAL A 164 21.22 -12.30 2.20
C VAL A 164 20.25 -13.47 2.14
N SER A 165 20.38 -14.39 3.08
CA SER A 165 19.49 -15.57 3.14
C SER A 165 18.56 -15.50 4.34
N LEU A 166 17.26 -15.38 4.11
CA LEU A 166 16.28 -15.46 5.19
C LEU A 166 15.31 -16.60 4.89
N PRO A 167 14.77 -17.25 5.93
CA PRO A 167 13.88 -18.41 5.73
C PRO A 167 12.68 -18.07 4.85
N TYR A 168 12.48 -18.90 3.81
CA TYR A 168 11.33 -18.83 2.92
C TYR A 168 11.27 -17.55 2.09
N LEU A 169 12.39 -16.85 1.95
CA LEU A 169 12.54 -15.74 1.03
C LEU A 169 13.61 -16.07 0.00
N PRO A 170 13.47 -15.58 -1.23
CA PRO A 170 14.53 -15.81 -2.21
C PRO A 170 15.82 -15.13 -1.75
N LEU A 171 16.95 -15.67 -2.22
CA LEU A 171 18.23 -14.99 -2.10
C LEU A 171 18.07 -13.52 -2.44
N LEU A 172 18.56 -12.66 -1.56
CA LEU A 172 18.43 -11.22 -1.72
C LEU A 172 19.81 -10.60 -1.91
N GLU A 173 19.90 -9.66 -2.83
CA GLU A 173 21.04 -8.76 -2.80
C GLU A 173 20.78 -7.67 -1.78
N ILE A 174 21.86 -6.98 -1.40
CA ILE A 174 21.75 -5.89 -0.43
C ILE A 174 20.72 -4.88 -0.90
N LYS A 175 20.68 -4.62 -2.21
CA LYS A 175 19.73 -3.68 -2.79
C LYS A 175 18.29 -4.15 -2.69
N ASP A 176 18.05 -5.44 -2.46
CA ASP A 176 16.69 -5.94 -2.34
C ASP A 176 16.14 -5.84 -0.92
N LEU A 177 17.00 -5.61 0.08
CA LEU A 177 16.52 -5.42 1.45
C LEU A 177 15.72 -4.12 1.55
N PRO A 178 14.81 -4.02 2.51
CA PRO A 178 14.06 -2.77 2.69
C PRO A 178 15.01 -1.59 2.86
N GLY A 179 14.80 -0.55 2.04
CA GLY A 179 15.75 0.54 1.96
C GLY A 179 15.56 1.56 3.08
N VAL A 180 16.35 1.45 4.14
CA VAL A 180 16.27 2.37 5.26
C VAL A 180 17.39 3.40 5.15
N GLN A 181 18.50 3.00 4.50
CA GLN A 181 19.67 3.86 4.35
C GLN A 181 19.33 5.17 3.64
N GLN A 182 18.33 5.14 2.76
CA GLN A 182 17.90 6.34 2.03
C GLN A 182 17.40 7.43 2.97
N PHE A 183 16.99 7.08 4.19
CA PHE A 183 16.49 8.07 5.13
C PHE A 183 17.60 8.71 5.97
N GLU A 184 18.86 8.40 5.68
CA GLU A 184 20.01 9.11 6.26
C GLU A 184 20.00 9.15 7.78
N ASP A 185 19.79 10.33 8.36
CA ASP A 185 19.78 10.47 9.81
C ASP A 185 18.61 9.71 10.42
N ASN A 186 17.44 9.77 9.78
CA ASN A 186 16.27 9.00 10.20
C ASN A 186 16.42 7.50 10.00
N SER A 187 17.52 7.03 9.42
CA SER A 187 17.64 5.62 9.08
C SER A 187 17.48 4.73 10.33
N GLU A 188 18.12 5.10 11.43
CA GLU A 188 18.07 4.28 12.64
C GLU A 188 16.65 4.23 13.22
N ALA A 189 15.99 5.38 13.29
CA ALA A 189 14.66 5.43 13.85
C ALA A 189 13.68 4.64 12.99
N VAL A 190 13.82 4.72 11.66
CA VAL A 190 12.92 3.98 10.79
C VAL A 190 13.11 2.48 10.96
N ALA A 191 14.35 2.03 11.16
CA ALA A 191 14.60 0.61 11.33
C ALA A 191 13.99 0.10 12.64
N GLU A 192 14.12 0.87 13.72
CA GLU A 192 13.51 0.48 14.99
C GLU A 192 11.99 0.39 14.87
N LEU A 193 11.39 1.34 14.16
CA LEU A 193 9.94 1.34 13.99
C LEU A 193 9.47 0.08 13.30
N LEU A 194 10.10 -0.27 12.18
CA LEU A 194 9.70 -1.48 11.44
C LEU A 194 9.84 -2.72 12.30
N ALA A 195 10.95 -2.85 13.04
CA ALA A 195 11.12 -4.03 13.88
C ALA A 195 10.10 -4.06 15.02
N ASP A 196 9.73 -2.89 15.55
CA ASP A 196 8.80 -2.81 16.67
C ASP A 196 7.40 -3.32 16.31
N GLN A 197 7.09 -3.47 15.02
CA GLN A 197 5.79 -4.02 14.65
C GLN A 197 5.56 -5.40 15.24
N PHE A 198 6.61 -6.11 15.63
CA PHE A 198 6.45 -7.43 16.21
C PHE A 198 6.69 -7.48 17.72
N SER A 199 6.95 -6.34 18.38
CA SER A 199 7.35 -6.37 19.79
C SER A 199 6.29 -7.00 20.70
N ASN A 200 5.00 -6.97 20.36
CA ASN A 200 3.99 -7.45 21.30
C ASN A 200 3.02 -8.40 20.63
N ILE A 201 3.49 -9.11 19.59
CA ILE A 201 2.59 -9.87 18.73
C ILE A 201 1.96 -11.04 19.46
N ASP A 202 2.64 -11.59 20.48
CA ASP A 202 2.04 -12.64 21.30
C ASP A 202 0.82 -12.16 22.07
N ASP A 203 0.73 -10.86 22.39
CA ASP A 203 -0.39 -10.33 23.15
C ASP A 203 -1.53 -9.81 22.28
N VAL A 204 -1.35 -9.78 20.96
CA VAL A 204 -2.36 -9.24 20.06
C VAL A 204 -3.54 -10.21 20.00
N ASP A 205 -4.76 -9.67 19.96
CA ASP A 205 -5.91 -10.56 19.88
C ASP A 205 -6.11 -11.11 18.47
N TYR A 206 -5.83 -10.31 17.43
CA TYR A 206 -5.98 -10.75 16.04
C TYR A 206 -4.86 -10.12 15.22
N VAL A 207 -4.14 -10.94 14.49
CA VAL A 207 -3.08 -10.48 13.60
C VAL A 207 -3.59 -10.58 12.17
N LEU A 208 -3.81 -9.44 11.52
CA LEU A 208 -4.34 -9.41 10.16
C LEU A 208 -3.27 -8.96 9.18
N PHE A 209 -3.18 -9.65 8.04
CA PHE A 209 -2.26 -9.31 6.96
C PHE A 209 -3.02 -9.07 5.67
N ASN A 210 -2.66 -8.00 4.95
CA ASN A 210 -3.27 -7.68 3.66
C ASN A 210 -2.55 -8.43 2.54
N THR A 211 -2.80 -9.74 2.50
CA THR A 211 -2.20 -10.64 1.53
C THR A 211 -3.11 -11.84 1.43
N PHE A 212 -2.81 -12.73 0.49
CA PHE A 212 -3.53 -14.00 0.41
C PHE A 212 -2.51 -15.13 0.31
N ASP A 213 -2.91 -16.31 0.81
CA ASP A 213 -1.97 -17.40 1.05
C ASP A 213 -1.21 -17.79 -0.21
N ALA A 214 -1.93 -17.99 -1.33
CA ALA A 214 -1.28 -18.48 -2.55
C ALA A 214 -0.17 -17.56 -3.01
N LEU A 215 -0.21 -16.28 -2.64
CA LEU A 215 0.85 -15.36 -3.04
C LEU A 215 2.18 -15.72 -2.40
N GLU A 216 2.16 -16.30 -1.20
CA GLU A 216 3.40 -16.51 -0.45
C GLU A 216 3.18 -17.65 0.53
N ILE A 217 3.00 -18.85 -0.02
CA ILE A 217 2.52 -19.99 0.74
C ILE A 217 3.47 -20.29 1.89
N GLU A 218 4.77 -20.40 1.60
CA GLU A 218 5.71 -20.93 2.59
C GLU A 218 5.90 -19.96 3.76
N VAL A 219 5.99 -18.66 3.49
CA VAL A 219 6.23 -17.73 4.59
C VAL A 219 4.96 -17.50 5.40
N VAL A 220 3.79 -17.68 4.79
CA VAL A 220 2.55 -17.64 5.55
C VAL A 220 2.43 -18.88 6.43
N ASN A 221 2.79 -20.05 5.90
CA ASN A 221 2.77 -21.28 6.68
C ASN A 221 3.75 -21.20 7.85
N TRP A 222 4.96 -20.69 7.59
CA TRP A 222 5.95 -20.49 8.65
C TRP A 222 5.44 -19.55 9.72
N MET A 223 4.83 -18.43 9.30
CA MET A 223 4.27 -17.46 10.24
C MET A 223 3.09 -18.05 11.00
N GLY A 224 2.26 -18.86 10.34
CA GLY A 224 1.13 -19.47 11.02
C GLY A 224 1.51 -20.51 12.06
N SER A 225 2.74 -20.99 12.03
CA SER A 225 3.19 -21.90 13.07
C SER A 225 3.62 -21.16 14.33
N LYS A 226 3.74 -19.83 14.28
CA LYS A 226 4.15 -19.06 15.44
C LYS A 226 3.03 -18.27 16.09
N TRP A 227 2.06 -17.80 15.32
CA TRP A 227 0.89 -17.09 15.81
C TRP A 227 -0.25 -17.43 14.87
N PRO A 228 -1.50 -17.41 15.35
CA PRO A 228 -2.63 -17.60 14.44
C PRO A 228 -2.93 -16.33 13.64
N ILE A 229 -2.34 -16.21 12.47
CA ILE A 229 -2.49 -15.02 11.64
C ILE A 229 -3.69 -15.19 10.73
N LEU A 230 -4.29 -14.08 10.33
CA LEU A 230 -5.44 -14.10 9.43
C LEU A 230 -5.07 -13.30 8.18
N THR A 231 -4.91 -14.01 7.06
CA THR A 231 -4.63 -13.34 5.80
C THR A 231 -5.97 -12.95 5.18
N VAL A 232 -6.15 -11.66 4.91
CA VAL A 232 -7.47 -11.14 4.59
C VAL A 232 -7.47 -10.36 3.28
N GLY A 233 -6.39 -10.48 2.51
CA GLY A 233 -6.19 -9.64 1.35
C GLY A 233 -6.47 -10.32 0.02
N PRO A 234 -6.59 -9.52 -1.05
CA PRO A 234 -6.57 -8.06 -0.99
C PRO A 234 -7.82 -7.49 -0.31
N THR A 235 -7.68 -6.47 0.56
CA THR A 235 -8.87 -5.85 1.12
C THR A 235 -9.59 -4.97 0.09
N ALA A 236 -8.84 -4.42 -0.87
CA ALA A 236 -9.44 -3.67 -1.97
C ALA A 236 -10.45 -4.53 -2.72
N PRO A 237 -11.59 -3.97 -3.13
CA PRO A 237 -12.64 -4.75 -3.80
C PRO A 237 -12.44 -4.92 -5.30
N ASN A 257 -15.28 3.70 -2.50
CA ASN A 257 -13.91 3.17 -2.56
C ASN A 257 -12.83 4.22 -2.29
N TYR A 258 -13.18 5.50 -2.21
CA TYR A 258 -12.17 6.52 -2.06
C TYR A 258 -12.64 7.63 -1.13
N LEU A 259 -11.75 8.10 -0.27
CA LEU A 259 -12.09 9.27 0.54
C LEU A 259 -11.60 10.57 -0.08
N PHE A 260 -10.59 10.49 -0.92
CA PHE A 260 -9.92 11.67 -1.44
C PHE A 260 -10.35 11.94 -2.86
N GLU A 261 -9.97 13.12 -3.35
CA GLU A 261 -10.31 13.50 -4.72
C GLU A 261 -9.53 12.61 -5.70
N THR A 262 -10.25 11.88 -6.55
CA THR A 262 -9.66 10.95 -7.51
C THR A 262 -9.78 11.41 -8.97
N ASN A 263 -10.44 12.54 -9.23
CA ASN A 263 -10.65 13.05 -10.59
C ASN A 263 -11.25 11.96 -11.48
N THR A 264 -12.28 11.30 -10.97
CA THR A 264 -12.73 10.07 -11.59
C THR A 264 -13.27 10.29 -13.00
N GLU A 265 -14.09 11.32 -13.18
CA GLU A 265 -14.75 11.50 -14.47
C GLU A 265 -13.73 11.74 -15.57
N VAL A 266 -12.78 12.66 -15.34
CA VAL A 266 -11.81 12.94 -16.38
C VAL A 266 -10.97 11.70 -16.68
N CYS A 267 -10.57 10.97 -15.65
CA CYS A 267 -9.68 9.83 -15.87
C CYS A 267 -10.37 8.73 -16.66
N MET A 268 -11.59 8.36 -16.24
CA MET A 268 -12.26 7.24 -16.90
C MET A 268 -12.75 7.60 -18.30
N LYS A 269 -13.11 8.86 -18.54
CA LYS A 269 -13.48 9.24 -19.89
C LYS A 269 -12.27 9.15 -20.82
N TRP A 270 -11.10 9.58 -20.35
CA TRP A 270 -9.91 9.51 -21.17
C TRP A 270 -9.53 8.06 -21.48
N LEU A 271 -9.55 7.20 -20.45
CA LEU A 271 -9.26 5.78 -20.64
C LEU A 271 -10.28 5.12 -21.56
N ASP A 272 -11.53 5.58 -21.55
CA ASP A 272 -12.56 5.03 -22.44
C ASP A 272 -12.31 5.37 -23.89
N GLN A 273 -11.44 6.34 -24.17
CA GLN A 273 -11.06 6.64 -25.54
C GLN A 273 -9.85 5.84 -26.00
N ARG A 274 -9.33 4.95 -25.16
CA ARG A 274 -8.14 4.18 -25.47
C ARG A 274 -8.50 2.74 -25.78
N GLU A 275 -7.83 2.15 -26.76
CA GLU A 275 -8.02 0.74 -27.09
C GLU A 275 -7.29 -0.16 -26.10
N ILE A 276 -7.62 -1.46 -26.15
CA ILE A 276 -7.06 -2.42 -25.22
C ILE A 276 -5.55 -2.36 -25.25
N ASP A 277 -4.93 -2.45 -24.07
CA ASP A 277 -3.50 -2.72 -23.99
C ASP A 277 -2.66 -1.61 -24.61
N THR A 278 -3.08 -0.36 -24.49
CA THR A 278 -2.33 0.70 -25.13
C THR A 278 -1.78 1.75 -24.17
N VAL A 279 -2.15 1.70 -22.89
CA VAL A 279 -1.90 2.79 -21.94
C VAL A 279 -0.87 2.34 -20.91
N ILE A 280 0.16 3.15 -20.71
CA ILE A 280 1.08 3.01 -19.58
C ILE A 280 0.55 3.84 -18.43
N TYR A 281 0.25 3.21 -17.31
CA TYR A 281 -0.15 3.92 -16.11
C TYR A 281 1.10 4.16 -15.26
N VAL A 282 1.36 5.41 -14.92
CA VAL A 282 2.57 5.78 -14.19
C VAL A 282 2.17 6.42 -12.87
N SER A 283 2.71 5.90 -11.77
CA SER A 283 2.43 6.52 -10.48
C SER A 283 3.51 6.12 -9.49
N PHE A 284 3.95 7.09 -8.68
CA PHE A 284 4.90 6.81 -7.61
C PHE A 284 4.25 6.93 -6.24
N GLY A 285 2.93 6.82 -6.18
CA GLY A 285 2.24 6.71 -4.91
C GLY A 285 1.96 8.07 -4.29
N SER A 286 1.73 8.03 -2.97
CA SER A 286 1.33 9.18 -2.19
C SER A 286 2.46 9.89 -1.47
N LEU A 287 3.65 9.28 -1.38
CA LEU A 287 4.73 9.96 -0.66
C LEU A 287 5.98 10.21 -1.48
N ALA A 288 6.42 9.23 -2.27
CA ALA A 288 7.72 9.33 -2.92
C ALA A 288 7.81 10.59 -3.80
N SER A 289 8.94 11.27 -3.74
CA SER A 289 9.17 12.52 -4.47
C SER A 289 10.40 12.40 -5.35
N LEU A 290 10.21 12.49 -6.66
CA LEU A 290 11.33 12.44 -7.60
C LEU A 290 11.88 13.82 -7.88
N THR A 291 13.19 13.89 -8.06
CA THR A 291 13.84 15.14 -8.36
C THR A 291 13.50 15.57 -9.78
N GLU A 292 13.69 16.87 -10.06
CA GLU A 292 13.42 17.32 -11.43
C GLU A 292 14.28 16.57 -12.43
N GLU A 293 15.51 16.22 -12.05
CA GLU A 293 16.38 15.49 -12.97
C GLU A 293 15.77 14.15 -13.33
N GLN A 294 15.23 13.44 -12.34
CA GLN A 294 14.55 12.17 -12.60
C GLN A 294 13.24 12.38 -13.35
N MET A 295 12.49 13.42 -13.00
CA MET A 295 11.22 13.69 -13.65
C MET A 295 11.40 13.90 -15.16
N GLU A 296 12.46 14.59 -15.56
CA GLU A 296 12.66 14.81 -16.99
C GLU A 296 12.93 13.51 -17.72
N GLN A 297 13.71 12.60 -17.10
CA GLN A 297 13.99 11.34 -17.77
C GLN A 297 12.71 10.54 -17.96
N VAL A 298 11.86 10.50 -16.93
CA VAL A 298 10.54 9.88 -17.05
C VAL A 298 9.73 10.57 -18.14
N SER A 299 9.68 11.91 -18.11
CA SER A 299 8.94 12.67 -19.13
C SER A 299 9.40 12.30 -20.54
N GLN A 300 10.70 12.39 -20.78
CA GLN A 300 11.23 12.09 -22.12
C GLN A 300 10.98 10.64 -22.50
N ALA A 301 11.12 9.73 -21.53
CA ALA A 301 10.88 8.32 -21.83
C ALA A 301 9.45 8.10 -22.29
N LEU A 302 8.48 8.73 -21.62
CA LEU A 302 7.08 8.51 -22.00
C LEU A 302 6.78 9.13 -23.36
N ILE A 303 7.37 10.30 -23.65
CA ILE A 303 7.19 10.93 -24.95
C ILE A 303 7.85 10.10 -26.05
N ARG A 304 9.14 9.80 -25.88
CA ARG A 304 9.85 9.03 -26.91
C ARG A 304 9.22 7.67 -27.13
N SER A 305 8.58 7.09 -26.10
CA SER A 305 7.98 5.77 -26.23
C SER A 305 6.83 5.75 -27.24
N ASN A 306 6.21 6.91 -27.47
CA ASN A 306 5.04 7.04 -28.33
C ASN A 306 3.87 6.17 -27.86
N CYS A 307 3.86 5.77 -26.60
CA CYS A 307 2.68 5.13 -26.04
C CYS A 307 1.79 6.18 -25.40
N TYR A 308 0.52 5.84 -25.27
CA TYR A 308 -0.37 6.62 -24.42
C TYR A 308 -0.05 6.32 -22.95
N PHE A 309 -0.16 7.35 -22.11
CA PHE A 309 0.20 7.19 -20.73
C PHE A 309 -0.70 8.07 -19.87
N LEU A 310 -1.02 7.57 -18.68
CA LEU A 310 -1.71 8.34 -17.65
C LEU A 310 -0.74 8.41 -16.47
N TRP A 311 -0.30 9.62 -16.15
CA TRP A 311 0.78 9.81 -15.18
C TRP A 311 0.28 10.63 -14.00
N VAL A 312 0.18 10.00 -12.82
CA VAL A 312 -0.19 10.70 -11.59
C VAL A 312 1.04 11.45 -11.08
N VAL A 313 1.01 12.76 -11.24
CA VAL A 313 1.99 13.67 -10.65
C VAL A 313 1.22 14.48 -9.60
N ARG A 314 1.51 14.22 -8.34
CA ARG A 314 0.80 14.92 -7.26
C ARG A 314 0.99 16.43 -7.41
N GLU A 315 -0.01 17.17 -6.94
CA GLU A 315 -0.08 18.59 -7.22
C GLU A 315 1.12 19.34 -6.64
N GLU A 316 1.65 18.92 -5.49
CA GLU A 316 2.85 19.57 -4.97
C GLU A 316 4.11 19.18 -5.73
N GLU A 317 4.06 18.12 -6.56
CA GLU A 317 5.20 17.72 -7.38
C GLU A 317 5.16 18.29 -8.79
N GLU A 318 4.04 18.89 -9.20
CA GLU A 318 3.87 19.40 -10.57
C GLU A 318 5.00 20.31 -10.99
N ASN A 319 5.43 21.21 -10.10
CA ASN A 319 6.38 22.26 -10.47
C ASN A 319 7.76 21.74 -10.83
N LYS A 320 7.99 20.42 -10.75
CA LYS A 320 9.25 19.83 -11.17
C LYS A 320 9.21 19.27 -12.58
N LEU A 321 8.02 19.15 -13.19
CA LEU A 321 7.93 18.68 -14.57
C LEU A 321 8.59 19.67 -15.53
N PRO A 322 9.10 19.21 -16.66
CA PRO A 322 9.54 20.14 -17.71
C PRO A 322 8.47 21.18 -18.01
N LYS A 323 8.93 22.36 -18.48
CA LYS A 323 8.13 23.59 -18.39
C LYS A 323 6.81 23.51 -19.15
N ASP A 324 6.78 22.80 -20.28
CA ASP A 324 5.58 22.77 -21.10
C ASP A 324 4.92 21.40 -21.15
N PHE A 325 5.34 20.48 -20.28
CA PHE A 325 4.96 19.07 -20.41
C PHE A 325 3.45 18.87 -20.21
N LYS A 326 2.94 19.28 -19.05
CA LYS A 326 1.53 19.03 -18.72
C LYS A 326 0.58 19.71 -19.70
N GLU A 327 0.91 20.93 -20.13
CA GLU A 327 -0.02 21.74 -20.89
C GLU A 327 0.02 21.47 -22.38
N THR A 328 1.17 21.09 -22.93
CA THR A 328 1.22 20.90 -24.37
C THR A 328 1.90 19.58 -24.76
N THR A 329 3.11 19.31 -24.27
CA THR A 329 3.84 18.12 -24.72
C THR A 329 3.08 16.84 -24.43
N SER A 330 2.54 16.72 -23.22
CA SER A 330 1.81 15.51 -22.86
C SER A 330 0.47 15.40 -23.56
N LYS A 331 0.11 16.40 -24.38
CA LYS A 331 -1.31 16.53 -24.77
C LYS A 331 -1.69 15.51 -25.82
N LYS A 332 -0.79 15.19 -26.75
CA LYS A 332 -1.15 14.27 -27.82
C LYS A 332 -1.37 12.86 -27.30
N LYS A 333 -0.58 12.42 -26.31
CA LYS A 333 -0.61 11.02 -25.91
C LYS A 333 -0.87 10.79 -24.42
N GLY A 334 -0.73 11.80 -23.57
CA GLY A 334 -0.76 11.59 -22.14
C GLY A 334 -1.86 12.35 -21.43
N LEU A 335 -2.29 11.80 -20.30
CA LEU A 335 -3.11 12.49 -19.32
C LEU A 335 -2.26 12.63 -18.06
N VAL A 336 -1.98 13.86 -17.66
CA VAL A 336 -1.21 14.14 -16.44
C VAL A 336 -2.19 14.72 -15.41
N ILE A 337 -2.35 14.03 -14.29
CA ILE A 337 -3.41 14.31 -13.33
C ILE A 337 -2.88 14.12 -11.90
N ASN A 338 -3.39 14.92 -10.97
CA ASN A 338 -2.78 14.96 -9.64
C ASN A 338 -3.18 13.78 -8.76
N TRP A 339 -4.18 13.00 -9.17
CA TRP A 339 -4.62 11.81 -8.44
C TRP A 339 -5.69 11.16 -9.29
N CYS A 340 -5.80 9.85 -9.22
CA CYS A 340 -6.70 9.10 -10.09
C CYS A 340 -7.39 8.01 -9.28
N PRO A 341 -8.48 7.43 -9.82
CA PRO A 341 -9.06 6.30 -9.06
C PRO A 341 -8.29 5.03 -9.44
N GLN A 342 -7.21 4.79 -8.70
CA GLN A 342 -6.21 3.79 -9.09
C GLN A 342 -6.85 2.41 -9.29
N LEU A 343 -7.79 2.01 -8.41
CA LEU A 343 -8.46 0.72 -8.59
C LEU A 343 -9.22 0.65 -9.92
N ASP A 344 -9.94 1.73 -10.28
CA ASP A 344 -10.69 1.72 -11.53
C ASP A 344 -9.75 1.80 -12.74
N VAL A 345 -8.68 2.58 -12.61
CA VAL A 345 -7.68 2.68 -13.66
C VAL A 345 -7.03 1.34 -13.90
N LEU A 346 -6.59 0.67 -12.83
CA LEU A 346 -5.94 -0.62 -13.00
C LEU A 346 -6.89 -1.68 -13.53
N ALA A 347 -8.19 -1.53 -13.29
CA ALA A 347 -9.19 -2.46 -13.80
C ALA A 347 -9.53 -2.22 -15.25
N HIS A 348 -9.02 -1.15 -15.85
CA HIS A 348 -9.46 -0.74 -17.17
C HIS A 348 -8.69 -1.49 -18.25
N LYS A 349 -9.43 -2.06 -19.20
CA LYS A 349 -8.87 -2.93 -20.23
C LYS A 349 -7.86 -2.22 -21.12
N SER A 350 -7.82 -0.90 -21.11
CA SER A 350 -6.88 -0.17 -21.93
C SER A 350 -5.49 -0.12 -21.33
N VAL A 351 -5.37 -0.39 -20.03
CA VAL A 351 -4.09 -0.27 -19.34
C VAL A 351 -3.23 -1.49 -19.69
N ALA A 352 -2.11 -1.25 -20.36
CA ALA A 352 -1.20 -2.32 -20.74
C ALA A 352 -0.20 -2.69 -19.65
N CYS A 353 0.23 -1.73 -18.83
CA CYS A 353 1.21 -1.98 -17.80
C CYS A 353 1.29 -0.77 -16.88
N PHE A 354 2.03 -0.95 -15.78
CA PHE A 354 2.01 -0.04 -14.62
C PHE A 354 3.46 0.24 -14.22
N MET A 355 3.96 1.42 -14.59
CA MET A 355 5.24 1.89 -14.04
C MET A 355 4.98 2.41 -12.63
N THR A 356 5.59 1.77 -11.63
CA THR A 356 5.24 1.94 -10.23
C THR A 356 6.48 2.02 -9.36
N HIS A 357 6.32 2.69 -8.21
CA HIS A 357 7.33 2.70 -7.15
C HIS A 357 7.29 1.45 -6.26
N CYS A 358 6.31 0.56 -6.47
CA CYS A 358 6.28 -0.76 -5.84
C CYS A 358 5.91 -0.69 -4.35
N GLY A 359 5.18 0.34 -3.93
CA GLY A 359 4.47 0.24 -2.67
C GLY A 359 3.55 -0.96 -2.68
N TRP A 360 3.27 -1.49 -1.49
CA TRP A 360 2.59 -2.79 -1.46
C TRP A 360 1.16 -2.71 -1.99
N ASN A 361 0.42 -1.64 -1.67
CA ASN A 361 -0.94 -1.51 -2.21
C ASN A 361 -0.94 -1.49 -3.73
N SER A 362 -0.05 -0.69 -4.32
CA SER A 362 0.02 -0.63 -5.77
C SER A 362 0.43 -1.96 -6.36
N THR A 363 1.39 -2.66 -5.72
CA THR A 363 1.80 -4.00 -6.15
C THR A 363 0.61 -4.95 -6.10
N LEU A 364 -0.02 -5.04 -4.95
CA LEU A 364 -1.10 -5.98 -4.76
C LEU A 364 -2.27 -5.65 -5.70
N GLU A 365 -2.53 -4.37 -5.92
CA GLU A 365 -3.66 -3.94 -6.80
C GLU A 365 -3.42 -4.34 -8.26
N ALA A 366 -2.22 -4.12 -8.78
CA ALA A 366 -1.87 -4.49 -10.16
C ALA A 366 -1.94 -6.01 -10.35
N LEU A 367 -1.44 -6.77 -9.37
CA LEU A 367 -1.44 -8.24 -9.42
C LEU A 367 -2.89 -8.75 -9.44
N CYS A 368 -3.76 -8.18 -8.61
CA CYS A 368 -5.18 -8.62 -8.53
C CYS A 368 -5.93 -8.11 -9.76
N SER A 369 -5.38 -7.13 -10.46
CA SER A 369 -5.95 -6.64 -11.70
C SER A 369 -5.35 -7.31 -12.93
N GLY A 370 -4.30 -8.12 -12.76
CA GLY A 370 -3.65 -8.72 -13.91
C GLY A 370 -2.85 -7.76 -14.75
N VAL A 371 -2.22 -6.77 -14.13
CA VAL A 371 -1.49 -5.71 -14.84
C VAL A 371 0.00 -5.86 -14.55
N PRO A 372 0.83 -6.15 -15.55
CA PRO A 372 2.28 -6.24 -15.30
C PRO A 372 2.91 -4.87 -15.08
N MET A 373 4.11 -4.88 -14.49
CA MET A 373 4.70 -3.66 -13.94
C MET A 373 6.09 -3.38 -14.47
N ILE A 374 6.42 -2.11 -14.44
CA ILE A 374 7.80 -1.63 -14.53
C ILE A 374 8.17 -1.12 -13.15
N CYS A 375 9.21 -1.69 -12.56
CA CYS A 375 9.49 -1.51 -11.13
C CYS A 375 10.52 -0.40 -10.97
N MET A 376 10.13 0.67 -10.28
CA MET A 376 11.01 1.80 -9.99
C MET A 376 10.96 2.09 -8.50
N PRO A 377 11.48 1.19 -7.68
CA PRO A 377 11.36 1.37 -6.23
C PRO A 377 12.24 2.52 -5.76
N GLN A 378 11.75 3.22 -4.75
CA GLN A 378 12.47 4.35 -4.18
C GLN A 378 13.08 4.02 -2.83
N TRP A 379 12.30 3.51 -1.87
CA TRP A 379 12.88 3.23 -0.56
C TRP A 379 11.92 2.36 0.25
N ALA A 380 12.32 2.09 1.49
CA ALA A 380 11.59 1.21 2.38
C ALA A 380 11.32 -0.13 1.70
N ASP A 381 10.13 -0.68 1.87
CA ASP A 381 9.82 -2.01 1.38
C ASP A 381 9.70 -2.07 -0.14
N GLN A 382 9.78 -0.93 -0.84
CA GLN A 382 9.61 -0.94 -2.29
C GLN A 382 10.69 -1.76 -2.98
N THR A 383 11.93 -1.66 -2.49
CA THR A 383 13.03 -2.45 -3.04
C THR A 383 12.73 -3.95 -2.95
N THR A 384 12.27 -4.40 -1.77
CA THR A 384 11.94 -5.81 -1.60
C THR A 384 10.76 -6.20 -2.47
N ASN A 385 9.73 -5.35 -2.52
CA ASN A 385 8.57 -5.62 -3.37
C ASN A 385 8.98 -5.76 -4.84
N ALA A 386 9.89 -4.91 -5.30
CA ALA A 386 10.31 -4.99 -6.70
C ALA A 386 11.03 -6.30 -6.98
N LYS A 387 11.75 -6.83 -5.99
CA LYS A 387 12.42 -8.11 -6.17
C LYS A 387 11.40 -9.25 -6.27
N LEU A 388 10.38 -9.20 -5.41
CA LEU A 388 9.34 -10.21 -5.46
C LEU A 388 8.54 -10.13 -6.76
N ILE A 389 8.21 -8.90 -7.20
CA ILE A 389 7.48 -8.74 -8.46
C ILE A 389 8.24 -9.39 -9.61
N GLU A 390 9.53 -9.10 -9.71
CA GLU A 390 10.30 -9.52 -10.87
C GLU A 390 10.70 -10.99 -10.79
N HIS A 391 11.17 -11.45 -9.63
CA HIS A 391 11.81 -12.75 -9.58
C HIS A 391 10.95 -13.84 -8.96
N VAL A 392 9.91 -13.50 -8.19
CA VAL A 392 9.08 -14.53 -7.58
C VAL A 392 7.75 -14.64 -8.33
N TRP A 393 6.96 -13.57 -8.31
CA TRP A 393 5.69 -13.60 -9.02
C TRP A 393 5.87 -13.43 -10.53
N LYS A 394 6.97 -12.80 -10.96
CA LYS A 394 7.35 -12.73 -12.38
C LYS A 394 6.28 -12.00 -13.20
N ILE A 395 5.94 -10.80 -12.74
CA ILE A 395 4.89 -10.01 -13.39
C ILE A 395 5.42 -8.60 -13.64
N GLY A 396 6.74 -8.44 -13.56
CA GLY A 396 7.30 -7.13 -13.82
C GLY A 396 8.77 -7.21 -14.14
N VAL A 397 9.29 -6.10 -14.64
CA VAL A 397 10.72 -5.92 -14.86
C VAL A 397 11.17 -4.72 -14.04
N GLY A 398 12.46 -4.69 -13.73
CA GLY A 398 13.04 -3.62 -12.95
C GLY A 398 13.98 -2.79 -13.81
N VAL A 399 14.10 -1.51 -13.47
CA VAL A 399 14.99 -0.60 -14.19
C VAL A 399 16.31 -0.54 -13.44
N ASN A 400 17.41 -0.46 -14.17
CA ASN A 400 18.73 -0.30 -13.59
C ASN A 400 19.13 1.18 -13.61
N LYS A 401 19.50 1.71 -12.44
CA LYS A 401 19.99 3.07 -12.34
C LYS A 401 21.40 3.17 -12.95
N SER A 402 21.85 4.41 -13.15
CA SER A 402 23.20 4.66 -13.66
C SER A 402 24.18 4.92 -12.52
N GLY A 406 22.90 8.18 -9.61
CA GLY A 406 21.92 7.21 -9.12
C GLY A 406 20.55 7.44 -9.78
N ILE A 407 20.58 7.92 -11.02
CA ILE A 407 19.40 8.37 -11.75
C ILE A 407 19.05 7.36 -12.83
N VAL A 408 17.77 6.98 -12.93
CA VAL A 408 17.31 6.05 -14.00
C VAL A 408 17.20 6.88 -15.27
N LYS A 409 17.78 6.38 -16.37
CA LYS A 409 17.81 7.18 -17.60
C LYS A 409 16.65 6.83 -18.51
N ARG A 410 16.26 7.77 -19.34
CA ARG A 410 15.12 7.60 -20.27
C ARG A 410 15.27 6.32 -21.08
N GLU A 411 16.44 6.06 -21.67
CA GLU A 411 16.53 4.89 -22.54
C GLU A 411 16.35 3.60 -21.77
N GLU A 412 16.75 3.56 -20.48
CA GLU A 412 16.46 2.39 -19.66
C GLU A 412 14.95 2.22 -19.43
N ILE A 413 14.27 3.31 -19.06
CA ILE A 413 12.80 3.27 -18.96
C ILE A 413 12.18 2.89 -20.29
N GLU A 414 12.74 3.39 -21.39
CA GLU A 414 12.21 3.07 -22.71
C GLU A 414 12.40 1.60 -23.04
N ASP A 415 13.56 1.04 -22.70
CA ASP A 415 13.76 -0.40 -22.88
C ASP A 415 12.73 -1.21 -22.12
N CYS A 416 12.45 -0.84 -20.87
CA CYS A 416 11.48 -1.59 -20.07
C CYS A 416 10.09 -1.52 -20.67
N ILE A 417 9.69 -0.32 -21.13
CA ILE A 417 8.41 -0.18 -21.83
C ILE A 417 8.35 -1.15 -23.01
N ARG A 418 9.41 -1.20 -23.81
CA ARG A 418 9.44 -2.10 -24.96
C ARG A 418 9.34 -3.55 -24.52
N GLN A 419 10.13 -3.94 -23.51
CA GLN A 419 10.06 -5.29 -22.99
C GLN A 419 8.63 -5.67 -22.62
N VAL A 420 7.87 -4.74 -22.02
CA VAL A 420 6.52 -5.05 -21.57
C VAL A 420 5.51 -4.90 -22.70
N ILE A 421 5.52 -3.75 -23.39
CA ILE A 421 4.48 -3.46 -24.36
C ILE A 421 4.58 -4.37 -25.58
N GLU A 422 5.80 -4.70 -26.01
CA GLU A 422 6.04 -5.23 -27.34
C GLU A 422 6.70 -6.60 -27.36
N SER A 423 7.64 -6.86 -26.45
CA SER A 423 8.44 -8.07 -26.53
C SER A 423 7.64 -9.30 -26.09
N GLU A 424 8.18 -10.47 -26.43
CA GLU A 424 7.56 -11.72 -25.98
C GLU A 424 7.67 -11.89 -24.48
N ARG A 425 8.71 -11.31 -23.87
CA ARG A 425 8.77 -11.30 -22.42
C ARG A 425 7.54 -10.64 -21.83
N GLY A 426 7.08 -9.54 -22.46
CA GLY A 426 5.91 -8.86 -21.97
C GLY A 426 4.65 -9.70 -22.03
N LYS A 427 4.58 -10.62 -22.99
CA LYS A 427 3.39 -11.46 -23.08
C LYS A 427 3.37 -12.51 -21.96
N GLU A 428 4.55 -13.03 -21.61
CA GLU A 428 4.64 -13.95 -20.50
C GLU A 428 4.35 -13.24 -19.17
N LEU A 429 4.82 -12.00 -19.01
CA LEU A 429 4.50 -11.24 -17.81
C LEU A 429 2.99 -10.99 -17.70
N LYS A 430 2.34 -10.71 -18.83
CA LYS A 430 0.89 -10.52 -18.80
C LYS A 430 0.17 -11.82 -18.43
N ARG A 431 0.63 -12.95 -18.95
CA ARG A 431 0.01 -14.24 -18.64
C ARG A 431 0.21 -14.61 -17.17
N ASN A 432 1.38 -14.29 -16.58
CA ASN A 432 1.56 -14.56 -15.17
C ASN A 432 0.69 -13.66 -14.32
N ALA A 433 0.56 -12.39 -14.71
CA ALA A 433 -0.32 -11.47 -13.98
C ALA A 433 -1.77 -11.93 -14.04
N ILE A 434 -2.21 -12.46 -15.19
CA ILE A 434 -3.58 -12.96 -15.29
C ILE A 434 -3.78 -14.17 -14.37
N LYS A 435 -2.76 -15.02 -14.25
CA LYS A 435 -2.84 -16.13 -13.31
C LYS A 435 -2.98 -15.65 -11.87
N TRP A 436 -2.19 -14.63 -11.46
CA TRP A 436 -2.31 -14.15 -10.09
C TRP A 436 -3.66 -13.52 -9.83
N LYS A 437 -4.21 -12.79 -10.80
CA LYS A 437 -5.55 -12.26 -10.68
C LYS A 437 -6.55 -13.38 -10.40
N GLU A 438 -6.41 -14.51 -11.11
CA GLU A 438 -7.32 -15.63 -10.89
C GLU A 438 -7.17 -16.18 -9.47
N LEU A 439 -5.94 -16.25 -8.96
CA LEU A 439 -5.76 -16.76 -7.60
C LEU A 439 -6.25 -15.76 -6.55
N ALA A 440 -6.05 -14.47 -6.81
CA ALA A 440 -6.61 -13.45 -5.90
C ALA A 440 -8.12 -13.47 -5.92
N LYS A 441 -8.69 -13.68 -7.12
CA LYS A 441 -10.14 -13.84 -7.26
C LYS A 441 -10.65 -14.98 -6.38
N GLU A 442 -10.05 -16.18 -6.49
CA GLU A 442 -10.45 -17.27 -5.61
C GLU A 442 -10.30 -16.90 -4.15
N ALA A 443 -9.24 -16.16 -3.82
CA ALA A 443 -8.96 -15.91 -2.41
C ALA A 443 -10.09 -15.13 -1.74
N VAL A 444 -10.69 -14.16 -2.44
CA VAL A 444 -11.69 -13.31 -1.82
C VAL A 444 -13.12 -13.79 -2.07
N SER A 445 -13.29 -14.85 -2.85
CA SER A 445 -14.60 -15.39 -3.13
C SER A 445 -14.95 -16.46 -2.11
N GLU A 446 -16.24 -16.82 -2.09
CA GLU A 446 -16.75 -17.84 -1.20
C GLU A 446 -15.87 -19.08 -1.27
N GLY A 447 -15.41 -19.54 -0.11
CA GLY A 447 -14.55 -20.69 -0.05
C GLY A 447 -13.08 -20.39 -0.15
N GLY A 448 -12.69 -19.16 -0.50
CA GLY A 448 -11.29 -18.85 -0.60
C GLY A 448 -10.64 -18.51 0.74
N SER A 449 -9.31 -18.55 0.75
CA SER A 449 -8.59 -18.42 2.01
C SER A 449 -8.88 -17.08 2.68
N SER A 450 -8.94 -16.00 1.91
CA SER A 450 -9.12 -14.69 2.55
C SER A 450 -10.56 -14.47 2.97
N CYS A 451 -11.50 -14.95 2.17
CA CYS A 451 -12.91 -14.89 2.56
C CYS A 451 -13.15 -15.67 3.84
N ASN A 452 -12.60 -16.90 3.94
CA ASN A 452 -12.74 -17.68 5.16
C ASN A 452 -12.15 -16.95 6.37
N ASN A 453 -10.98 -16.31 6.20
CA ASN A 453 -10.33 -15.63 7.32
C ASN A 453 -11.15 -14.42 7.78
N ILE A 454 -11.69 -13.64 6.84
CA ILE A 454 -12.55 -12.52 7.23
C ILE A 454 -13.79 -13.04 7.94
N GLN A 455 -14.35 -14.16 7.45
CA GLN A 455 -15.47 -14.80 8.11
C GLN A 455 -15.09 -15.30 9.51
N GLU A 456 -13.91 -15.92 9.66
CA GLU A 456 -13.48 -16.36 10.98
C GLU A 456 -13.30 -15.17 11.92
N PHE A 457 -12.69 -14.09 11.44
CA PHE A 457 -12.57 -12.89 12.24
C PHE A 457 -13.94 -12.34 12.64
N SER A 458 -14.83 -12.15 11.66
CA SER A 458 -16.17 -11.64 11.93
C SER A 458 -16.91 -12.51 12.94
N SER A 459 -16.78 -13.83 12.82
CA SER A 459 -17.50 -14.73 13.72
C SER A 459 -16.88 -14.74 15.11
N SER A 460 -15.56 -14.53 15.20
CA SER A 460 -14.92 -14.47 16.50
C SER A 460 -15.46 -13.30 17.32
N LEU A 461 -15.74 -12.18 16.65
CA LEU A 461 -16.35 -11.04 17.33
C LEU A 461 -17.73 -11.40 17.88
N LEU A 462 -18.30 -12.53 17.46
CA LEU A 462 -19.50 -13.14 18.04
C LEU A 462 -20.72 -12.27 17.84
C1 Q30 B . 10.45 8.69 5.96
O1 Q30 B . 9.11 12.43 2.45
C2 Q30 B . 9.25 9.08 5.07
O2 Q30 B . 9.09 10.69 6.89
C3 Q30 B . 9.82 9.37 3.67
C4 Q30 B . 8.81 10.05 2.73
O4 Q30 B . 5.52 0.90 6.60
C10 Q30 B . 7.14 7.75 6.07
C11 Q30 B . 8.25 7.87 4.99
C12 Q30 B . 8.98 6.52 4.86
C13 Q30 B . 8.05 5.33 5.02
C14 Q30 B . 7.48 5.18 6.44
C15 Q30 B . 8.37 4.30 7.30
C16 Q30 B . 6.03 4.61 6.28
C17 Q30 B . 5.84 3.20 6.74
C18 Q30 B . 5.41 2.76 7.92
C19 Q30 B . 5.22 1.32 7.85
C20 Q30 B . 6.19 1.99 5.92
C21 Q30 B . 5.10 5.63 6.99
C22 Q30 B . 6.04 6.36 7.95
C23 Q30 B . 7.27 6.59 7.08
C5 Q30 B . 8.44 11.42 3.23
C6 Q30 B . 8.86 11.60 4.68
C7 Q30 B . 8.56 10.40 5.58
C8 Q30 B . 7.06 10.23 5.81
C9 Q30 B . 6.80 9.07 6.76
O3 Q30 B . 4.83 0.53 8.68
O5 Q30 B . 8.39 6.89 7.95
N1 UDP C . -3.56 5.75 -5.23
C2 UDP C . -4.65 6.30 -5.74
N3 UDP C . -4.62 7.14 -6.75
C4 UDP C . -3.45 7.46 -7.26
C5 UDP C . -2.26 6.92 -6.76
C6 UDP C . -2.36 6.03 -5.69
O2 UDP C . -5.91 6.00 -5.24
O4 UDP C . -3.45 8.37 -8.30
C1' UDP C . -3.69 4.83 -4.10
C2' UDP C . -3.24 3.40 -4.41
O2' UDP C . -4.30 2.68 -4.94
C3' UDP C . -2.88 2.97 -2.96
C4' UDP C . -2.29 4.02 -2.41
O4' UDP C . -2.84 5.28 -3.21
O3' UDP C . -4.18 2.73 -2.25
C5' UDP C . -0.78 4.05 -2.54
O5' UDP C . -0.33 3.02 -1.70
PA UDP C . 1.13 2.30 -1.89
O1A UDP C . 1.28 1.19 -0.85
O2A UDP C . 1.21 1.72 -3.29
O3A UDP C . 2.40 3.34 -1.81
PB UDP C . 2.59 4.64 -0.82
O1B UDP C . 2.25 4.22 0.60
O2B UDP C . 4.04 5.08 -0.95
O3B UDP C . 1.68 5.78 -1.29
C TRS D . 3.13 1.10 2.20
C1 TRS D . 4.27 1.39 3.18
C2 TRS D . 3.21 -0.36 1.75
C3 TRS D . 1.80 1.33 2.91
N TRS D . 3.19 2.04 1.07
O1 TRS D . 4.19 2.73 3.65
O2 TRS D . 4.35 -0.62 0.96
O3 TRS D . 1.40 0.15 3.58
#